data_2EUN
#
_entry.id   2EUN
#
_cell.length_a   43.85
_cell.length_b   73.71
_cell.length_c   105.22
_cell.angle_alpha   90
_cell.angle_beta   90
_cell.angle_gamma   90
#
_symmetry.space_group_name_H-M   'P 21 21 21'
#
loop_
_entity.id
_entity.type
_entity.pdbx_description
1 polymer 'cytochrome c peroxidase'
2 non-polymer 'PROTOPORPHYRIN IX CONTAINING FE'
3 non-polymer PYRIMIDINE-2,4-DIAMINE
4 water water
#
_entity_poly.entity_id   1
_entity_poly.type   'polypeptide(L)'
_entity_poly.pdbx_seq_one_letter_code
;MKTLVHVASVEKGRSYEDFQKVYNAIALKLREDDEYDNYIGYGPVLVRLAWHISGTWDKHDNTGGSYGGTYRFKKEFNDP
SNAGLQNGFKFLEPIHKEFPWISSGDLFSLGGVTAVQEMQGPKIPWRCGRVDTPEDTTPDNGRLPDADKDAGYVRTFFQR
LNMNDREVVALMGAHALGKTHLKNSGYEGPGGAANNVFTNEFYLNLLNEDWKLEKNDANNEQWDSKSGYMMLPTDYSLIQ
DPKYLSIVKEYANDQDKFFKDFSKAFEKLLENGITFPKDAPSPFIFKTLEEQGL
;
_entity_poly.pdbx_strand_id   A
#
loop_
_chem_comp.id
_chem_comp.type
_chem_comp.name
_chem_comp.formula
HEM non-polymer 'PROTOPORPHYRIN IX CONTAINING FE' 'C34 H32 Fe N4 O4'
LG3 non-polymer PYRIMIDINE-2,4-DIAMINE 'C4 H6 N4'
#
# COMPACT_ATOMS: atom_id res chain seq x y z
N THR A 3 23.14 0.71 -13.13
CA THR A 3 23.56 -0.18 -14.25
C THR A 3 22.45 -1.27 -14.44
N LEU A 4 21.53 -1.41 -13.47
CA LEU A 4 20.44 -2.43 -13.55
C LEU A 4 19.07 -1.82 -13.93
N VAL A 5 18.50 -2.28 -15.03
CA VAL A 5 17.37 -1.60 -15.63
C VAL A 5 16.25 -2.64 -15.83
N HIS A 6 15.03 -2.28 -15.48
CA HIS A 6 13.87 -3.12 -15.66
C HIS A 6 12.93 -2.40 -16.57
N VAL A 7 12.82 -2.92 -17.79
CA VAL A 7 11.97 -2.26 -18.78
C VAL A 7 10.60 -2.93 -18.79
N ALA A 8 9.55 -2.13 -18.69
CA ALA A 8 8.18 -2.64 -18.73
C ALA A 8 7.95 -3.38 -20.03
N SER A 9 7.32 -4.55 -19.97
CA SER A 9 7.11 -5.39 -21.14
C SER A 9 5.70 -5.92 -21.02
N VAL A 10 4.81 -5.34 -21.81
CA VAL A 10 3.39 -5.66 -21.82
C VAL A 10 3.17 -7.14 -22.03
N GLU A 11 2.36 -7.76 -21.17
CA GLU A 11 2.03 -9.17 -21.34
C GLU A 11 1.50 -9.38 -22.72
N LYS A 12 2.05 -10.37 -23.43
CA LYS A 12 1.89 -10.39 -24.89
C LYS A 12 0.41 -10.46 -25.34
N GLY A 13 0.05 -9.50 -26.17
CA GLY A 13 -1.26 -9.39 -26.75
C GLY A 13 -2.39 -8.87 -25.88
N ARG A 14 -2.05 -8.35 -24.70
CA ARG A 14 -3.04 -7.83 -23.75
C ARG A 14 -3.18 -6.30 -23.86
N SER A 15 -4.38 -5.81 -23.59
CA SER A 15 -4.74 -4.40 -23.65
C SER A 15 -5.52 -4.03 -22.39
N TYR A 16 -5.94 -2.77 -22.34
CA TYR A 16 -6.73 -2.22 -21.23
C TYR A 16 -7.84 -3.16 -20.82
N GLU A 17 -8.63 -3.62 -21.79
CA GLU A 17 -9.83 -4.41 -21.52
C GLU A 17 -9.50 -5.73 -20.76
N ASP A 18 -8.42 -6.40 -21.12
CA ASP A 18 -7.94 -7.56 -20.34
C ASP A 18 -7.67 -7.19 -18.89
N PHE A 19 -6.97 -6.09 -18.68
CA PHE A 19 -6.63 -5.73 -17.31
C PHE A 19 -7.87 -5.32 -16.53
N GLN A 20 -8.82 -4.66 -17.19
CA GLN A 20 -10.09 -4.37 -16.54
C GLN A 20 -10.76 -5.64 -16.07
N LYS A 21 -10.62 -6.74 -16.80
CA LYS A 21 -11.21 -7.98 -16.36
C LYS A 21 -10.59 -8.50 -15.04
N VAL A 22 -9.28 -8.33 -14.91
CA VAL A 22 -8.60 -8.71 -13.71
C VAL A 22 -9.05 -7.84 -12.56
N TYR A 23 -9.08 -6.55 -12.78
CA TYR A 23 -9.53 -5.61 -11.73
C TYR A 23 -10.90 -6.07 -11.29
N ASN A 24 -11.79 -6.33 -12.26
CA ASN A 24 -13.17 -6.72 -11.91
C ASN A 24 -13.23 -7.97 -11.08
N ALA A 25 -12.36 -8.94 -11.37
CA ALA A 25 -12.29 -10.14 -10.58
C ALA A 25 -11.92 -9.87 -9.14
N ILE A 26 -10.88 -9.06 -8.98
CA ILE A 26 -10.42 -8.68 -7.65
C ILE A 26 -11.56 -7.99 -6.93
N ALA A 27 -12.22 -7.05 -7.59
CA ALA A 27 -13.26 -6.25 -6.96
C ALA A 27 -14.50 -7.06 -6.56
N LEU A 28 -14.89 -8.01 -7.39
CA LEU A 28 -16.00 -8.90 -7.06
C LEU A 28 -15.66 -9.79 -5.90
N LYS A 29 -14.41 -10.19 -5.79
CA LYS A 29 -14.05 -11.02 -4.68
C LYS A 29 -13.97 -10.19 -3.36
N LEU A 30 -13.44 -8.97 -3.45
CA LEU A 30 -13.44 -8.02 -2.31
C LEU A 30 -14.86 -7.84 -1.78
N ARG A 31 -15.82 -7.70 -2.70
CA ARG A 31 -17.24 -7.51 -2.31
C ARG A 31 -17.79 -8.80 -1.66
N GLU A 32 -17.38 -9.96 -2.15
CA GLU A 32 -17.86 -11.23 -1.64
C GLU A 32 -17.28 -11.60 -0.24
N ASP A 33 -15.99 -11.35 0.00
CA ASP A 33 -15.27 -11.87 1.17
C ASP A 33 -15.27 -10.79 2.23
N ASP A 34 -16.45 -10.42 2.66
CA ASP A 34 -16.62 -9.28 3.53
C ASP A 34 -16.47 -9.59 5.01
N GLU A 35 -16.33 -10.86 5.36
CA GLU A 35 -16.26 -11.23 6.78
C GLU A 35 -14.85 -11.11 7.33
N TYR A 36 -13.85 -11.09 6.45
CA TYR A 36 -12.46 -11.16 6.90
C TYR A 36 -12.10 -10.03 7.86
N ASP A 37 -11.34 -10.39 8.87
CA ASP A 37 -10.83 -9.49 9.89
C ASP A 37 -11.94 -8.71 10.58
N ASN A 38 -12.88 -9.45 11.18
CA ASN A 38 -13.99 -8.79 11.90
C ASN A 38 -14.73 -7.77 11.00
N TYR A 39 -15.03 -8.23 9.78
CA TYR A 39 -15.83 -7.51 8.80
C TYR A 39 -15.17 -6.22 8.20
N ILE A 40 -13.84 -6.12 8.28
CA ILE A 40 -13.11 -5.06 7.56
C ILE A 40 -13.10 -5.38 6.06
N GLY A 41 -12.91 -6.61 5.75
CA GLY A 41 -12.73 -7.05 4.35
C GLY A 41 -11.26 -7.10 4.01
N TYR A 42 -10.97 -7.51 2.79
CA TYR A 42 -9.61 -7.63 2.34
C TYR A 42 -8.96 -6.36 1.77
N GLY A 43 -9.70 -5.29 1.69
CA GLY A 43 -9.21 -4.09 1.05
C GLY A 43 -7.92 -3.60 1.65
N PRO A 44 -7.91 -3.33 2.95
CA PRO A 44 -6.66 -2.88 3.61
C PRO A 44 -5.40 -3.79 3.49
N VAL A 45 -5.52 -5.08 3.69
CA VAL A 45 -4.39 -5.95 3.52
C VAL A 45 -3.89 -5.94 2.05
N LEU A 46 -4.79 -5.77 1.09
CA LEU A 46 -4.36 -5.68 -0.33
C LEU A 46 -3.56 -4.40 -0.58
N VAL A 47 -3.98 -3.32 0.07
CA VAL A 47 -3.11 -2.14 -0.10
C VAL A 47 -1.74 -2.22 0.59
N ARG A 48 -1.70 -2.78 1.77
CA ARG A 48 -0.44 -3.08 2.45
C ARG A 48 0.46 -4.06 1.63
N LEU A 49 -0.15 -5.04 0.97
CA LEU A 49 0.60 -5.89 0.11
C LEU A 49 1.23 -5.17 -1.04
N ALA A 50 0.46 -4.32 -1.72
CA ALA A 50 1.03 -3.58 -2.84
C ALA A 50 2.18 -2.67 -2.41
N TRP A 51 2.07 -2.08 -1.22
CA TRP A 51 3.12 -1.25 -0.63
C TRP A 51 4.33 -2.08 -0.25
N HIS A 52 4.15 -3.21 0.41
CA HIS A 52 5.30 -4.01 0.84
C HIS A 52 6.06 -4.71 -0.29
N ILE A 53 5.38 -5.06 -1.36
CA ILE A 53 6.12 -5.56 -2.54
C ILE A 53 6.87 -4.45 -3.30
N SER A 54 6.43 -3.20 -3.15
CA SER A 54 7.07 -2.08 -3.84
C SER A 54 8.14 -1.47 -2.96
N GLY A 55 7.89 -1.47 -1.66
CA GLY A 55 8.74 -0.78 -0.70
C GLY A 55 10.12 -1.40 -0.38
N THR A 56 10.43 -2.55 -0.99
CA THR A 56 11.77 -3.14 -0.93
C THR A 56 12.76 -2.46 -1.86
N TRP A 57 12.30 -1.49 -2.64
CA TRP A 57 13.15 -0.84 -3.61
C TRP A 57 14.26 -0.05 -3.00
N ASP A 58 15.38 -0.04 -3.67
CA ASP A 58 16.53 0.80 -3.31
C ASP A 58 16.92 1.60 -4.58
N LYS A 59 16.65 2.91 -4.56
CA LYS A 59 16.86 3.79 -5.68
C LYS A 59 18.31 3.83 -6.12
N HIS A 60 19.21 3.47 -5.22
CA HIS A 60 20.68 3.56 -5.47
C HIS A 60 21.17 2.47 -6.48
N ASP A 61 20.60 1.29 -6.43
CA ASP A 61 21.03 0.17 -7.30
C ASP A 61 19.90 -0.57 -7.99
N ASN A 62 18.69 -0.02 -7.89
CA ASN A 62 17.50 -0.66 -8.47
C ASN A 62 17.24 -2.12 -8.05
N THR A 63 17.70 -2.51 -6.86
CA THR A 63 17.27 -3.76 -6.32
C THR A 63 15.88 -3.63 -5.68
N GLY A 64 15.24 -4.79 -5.50
CA GLY A 64 13.90 -4.82 -4.92
C GLY A 64 12.90 -4.17 -5.88
N GLY A 65 11.79 -3.74 -5.31
CA GLY A 65 10.75 -3.07 -6.07
C GLY A 65 9.75 -4.08 -6.60
N SER A 66 8.66 -3.57 -7.21
CA SER A 66 7.50 -4.38 -7.60
C SER A 66 7.72 -5.17 -8.89
N TYR A 67 8.75 -4.81 -9.63
CA TYR A 67 8.84 -5.30 -10.98
C TYR A 67 8.89 -6.82 -11.06
N GLY A 68 9.71 -7.41 -10.19
CA GLY A 68 10.05 -8.82 -10.29
C GLY A 68 9.07 -9.82 -9.72
N GLY A 69 8.10 -9.31 -8.99
CA GLY A 69 7.10 -10.15 -8.33
C GLY A 69 7.71 -11.16 -7.37
N THR A 70 8.74 -10.74 -6.68
CA THR A 70 9.57 -11.63 -5.88
C THR A 70 8.95 -12.03 -4.56
N TYR A 71 7.83 -11.39 -4.20
CA TYR A 71 7.16 -11.76 -2.98
C TYR A 71 6.58 -13.19 -3.09
N ARG A 72 6.45 -13.75 -4.30
CA ARG A 72 6.08 -15.14 -4.42
C ARG A 72 7.13 -16.14 -3.83
N PHE A 73 8.36 -15.67 -3.64
CA PHE A 73 9.43 -16.52 -3.08
C PHE A 73 9.53 -16.46 -1.53
N LYS A 74 9.87 -17.59 -0.96
CA LYS A 74 9.81 -17.74 0.48
C LYS A 74 10.63 -16.76 1.28
N LYS A 75 11.82 -16.35 0.81
CA LYS A 75 12.61 -15.42 1.58
C LYS A 75 11.79 -14.17 1.88
N GLU A 76 11.16 -13.63 0.83
CA GLU A 76 10.33 -12.42 0.92
C GLU A 76 8.97 -12.67 1.60
N PHE A 77 8.22 -13.71 1.18
CA PHE A 77 6.94 -14.12 1.78
C PHE A 77 7.06 -14.29 3.32
N ASN A 78 8.20 -14.80 3.78
CA ASN A 78 8.46 -15.05 5.17
C ASN A 78 9.16 -13.90 5.92
N ASP A 79 9.34 -12.74 5.27
CA ASP A 79 9.93 -11.56 5.96
C ASP A 79 9.01 -11.28 7.17
N PRO A 80 9.56 -11.16 8.40
CA PRO A 80 8.76 -10.67 9.54
C PRO A 80 7.97 -9.42 9.26
N SER A 81 8.51 -8.51 8.44
CA SER A 81 7.83 -7.26 8.13
C SER A 81 6.56 -7.47 7.32
N ASN A 82 6.48 -8.61 6.63
CA ASN A 82 5.32 -9.01 5.88
C ASN A 82 4.32 -9.93 6.57
N ALA A 83 4.48 -10.15 7.87
CA ALA A 83 3.59 -11.07 8.62
C ALA A 83 2.16 -10.57 8.49
N GLY A 84 1.24 -11.45 8.07
CA GLY A 84 -0.12 -11.11 7.81
C GLY A 84 -0.47 -10.96 6.32
N LEU A 85 0.53 -10.72 5.50
CA LEU A 85 0.28 -10.44 4.09
C LEU A 85 -0.07 -11.73 3.33
N GLN A 86 0.30 -12.89 3.89
CA GLN A 86 -0.14 -14.19 3.31
C GLN A 86 -1.65 -14.27 3.07
N ASN A 87 -2.43 -13.59 3.89
CA ASN A 87 -3.87 -13.51 3.68
C ASN A 87 -4.25 -12.82 2.36
N GLY A 88 -3.55 -11.71 2.03
CA GLY A 88 -3.69 -11.05 0.74
C GLY A 88 -3.23 -11.91 -0.43
N PHE A 89 -2.10 -12.60 -0.27
CA PHE A 89 -1.62 -13.44 -1.34
C PHE A 89 -2.64 -14.56 -1.62
N LYS A 90 -3.16 -15.18 -0.57
CA LYS A 90 -4.17 -16.26 -0.74
C LYS A 90 -5.42 -15.73 -1.41
N PHE A 91 -5.84 -14.53 -1.04
CA PHE A 91 -6.97 -13.88 -1.66
C PHE A 91 -6.72 -13.79 -3.19
N LEU A 92 -5.51 -13.39 -3.58
CA LEU A 92 -5.22 -13.17 -5.02
C LEU A 92 -5.04 -14.47 -5.80
N GLU A 93 -4.82 -15.59 -5.09
CA GLU A 93 -4.51 -16.88 -5.74
C GLU A 93 -5.57 -17.29 -6.80
N PRO A 94 -6.88 -17.31 -6.49
CA PRO A 94 -7.87 -17.69 -7.49
C PRO A 94 -7.93 -16.72 -8.71
N ILE A 95 -7.61 -15.43 -8.48
CA ILE A 95 -7.57 -14.43 -9.53
C ILE A 95 -6.42 -14.78 -10.47
N HIS A 96 -5.27 -15.12 -9.91
CA HIS A 96 -4.12 -15.51 -10.77
C HIS A 96 -4.44 -16.77 -11.54
N LYS A 97 -5.16 -17.70 -10.92
CA LYS A 97 -5.63 -18.90 -11.69
C LYS A 97 -6.56 -18.61 -12.85
N GLU A 98 -7.43 -17.61 -12.68
CA GLU A 98 -8.37 -17.21 -13.72
C GLU A 98 -7.67 -16.49 -14.82
N PHE A 99 -6.65 -15.70 -14.47
CA PHE A 99 -5.86 -14.93 -15.45
C PHE A 99 -4.36 -15.24 -15.30
N PRO A 100 -3.97 -16.44 -15.73
CA PRO A 100 -2.58 -16.92 -15.54
C PRO A 100 -1.55 -16.13 -16.34
N TRP A 101 -1.99 -15.40 -17.37
CA TRP A 101 -1.14 -14.59 -18.21
C TRP A 101 -0.59 -13.33 -17.51
N ILE A 102 -1.23 -12.89 -16.44
CA ILE A 102 -0.72 -11.69 -15.73
C ILE A 102 0.50 -11.98 -14.88
N SER A 103 1.42 -11.01 -14.91
CA SER A 103 2.60 -11.18 -14.09
C SER A 103 2.33 -11.01 -12.59
N SER A 104 3.18 -11.57 -11.76
CA SER A 104 2.95 -11.52 -10.33
C SER A 104 3.01 -10.07 -9.85
N GLY A 105 4.03 -9.30 -10.26
CA GLY A 105 4.16 -7.90 -9.89
C GLY A 105 2.93 -7.09 -10.30
N ASP A 106 2.44 -7.35 -11.51
CA ASP A 106 1.25 -6.67 -11.98
C ASP A 106 0.03 -7.02 -11.16
N LEU A 107 -0.14 -8.30 -10.81
CA LEU A 107 -1.28 -8.70 -10.02
C LEU A 107 -1.21 -8.03 -8.61
N PHE A 108 -0.06 -8.11 -7.94
CA PHE A 108 0.05 -7.62 -6.54
C PHE A 108 -0.22 -6.13 -6.51
N SER A 109 0.37 -5.39 -7.43
CA SER A 109 0.20 -3.95 -7.52
C SER A 109 -1.23 -3.58 -7.94
N LEU A 110 -1.81 -4.37 -8.85
CA LEU A 110 -3.18 -4.06 -9.25
C LEU A 110 -4.14 -4.36 -8.13
N GLY A 111 -3.81 -5.33 -7.24
CA GLY A 111 -4.69 -5.57 -6.09
C GLY A 111 -4.79 -4.33 -5.24
N GLY A 112 -3.70 -3.60 -5.11
CA GLY A 112 -3.68 -2.43 -4.27
C GLY A 112 -4.52 -1.31 -4.83
N VAL A 113 -4.38 -1.11 -6.12
CA VAL A 113 -5.17 -0.09 -6.84
C VAL A 113 -6.65 -0.42 -6.76
N THR A 114 -6.98 -1.66 -7.08
CA THR A 114 -8.35 -2.15 -6.95
C THR A 114 -8.98 -1.86 -5.63
N ALA A 115 -8.26 -2.19 -4.59
CA ALA A 115 -8.74 -2.01 -3.25
C ALA A 115 -8.99 -0.59 -2.89
N VAL A 116 -8.06 0.32 -3.19
CA VAL A 116 -8.30 1.71 -2.90
C VAL A 116 -9.57 2.20 -3.64
N GLN A 117 -9.73 1.82 -4.90
CA GLN A 117 -10.80 2.39 -5.69
C GLN A 117 -12.13 1.81 -5.25
N GLU A 118 -12.15 0.52 -4.93
CA GLU A 118 -13.41 -0.09 -4.46
C GLU A 118 -13.79 0.32 -3.05
N MET A 119 -12.82 0.80 -2.27
CA MET A 119 -13.10 1.46 -0.94
C MET A 119 -13.44 2.97 -1.06
N GLN A 120 -13.75 3.37 -2.28
CA GLN A 120 -14.29 4.71 -2.60
C GLN A 120 -13.18 5.79 -2.54
N GLY A 121 -11.92 5.33 -2.66
CA GLY A 121 -10.79 6.21 -2.74
C GLY A 121 -10.60 6.82 -4.12
N PRO A 122 -9.50 7.52 -4.34
CA PRO A 122 -9.28 8.14 -5.65
C PRO A 122 -9.02 7.07 -6.70
N LYS A 123 -9.17 7.43 -7.95
CA LYS A 123 -8.67 6.62 -9.05
C LYS A 123 -7.15 6.66 -9.00
N ILE A 124 -6.52 5.52 -9.24
CA ILE A 124 -5.07 5.46 -9.23
C ILE A 124 -4.69 4.86 -10.60
N PRO A 125 -4.06 5.68 -11.46
CA PRO A 125 -3.62 5.16 -12.77
C PRO A 125 -2.64 4.04 -12.49
N TRP A 126 -2.60 3.07 -13.39
CA TRP A 126 -1.80 1.89 -13.17
C TRP A 126 -1.26 1.43 -14.50
N ARG A 127 -0.03 0.95 -14.50
CA ARG A 127 0.61 0.49 -15.70
C ARG A 127 1.01 -0.94 -15.56
N CYS A 128 0.81 -1.69 -16.65
CA CYS A 128 1.21 -3.06 -16.75
C CYS A 128 2.61 -3.15 -17.22
N GLY A 129 3.15 -4.36 -17.20
CA GLY A 129 4.44 -4.62 -17.78
C GLY A 129 5.53 -5.08 -16.85
N ARG A 130 5.23 -5.26 -15.55
CA ARG A 130 6.17 -5.92 -14.64
C ARG A 130 6.39 -7.36 -15.10
N VAL A 131 7.63 -7.86 -15.02
CA VAL A 131 7.99 -9.22 -15.49
C VAL A 131 8.63 -10.01 -14.32
N ASP A 132 8.13 -11.22 -14.04
CA ASP A 132 8.61 -12.04 -12.94
C ASP A 132 10.12 -12.24 -13.21
N THR A 133 10.89 -12.14 -12.16
CA THR A 133 12.32 -12.39 -12.23
C THR A 133 12.58 -13.55 -11.29
N PRO A 134 13.74 -14.17 -11.44
CA PRO A 134 14.02 -15.39 -10.68
C PRO A 134 14.23 -15.19 -9.20
N GLU A 135 14.30 -16.34 -8.53
CA GLU A 135 14.37 -16.42 -7.05
C GLU A 135 15.58 -15.68 -6.50
N ASP A 136 16.70 -15.71 -7.25
CA ASP A 136 17.92 -15.08 -6.77
C ASP A 136 17.88 -13.54 -6.81
N THR A 137 16.81 -12.94 -7.38
CA THR A 137 16.68 -11.51 -7.38
C THR A 137 15.82 -11.01 -6.20
N THR A 138 15.35 -11.92 -5.38
CA THR A 138 14.53 -11.56 -4.26
C THR A 138 15.38 -10.74 -3.29
N PRO A 139 14.92 -9.57 -2.83
CA PRO A 139 15.68 -8.82 -1.83
C PRO A 139 15.64 -9.48 -0.44
N ASP A 140 16.76 -9.31 0.27
CA ASP A 140 16.87 -9.69 1.64
C ASP A 140 15.84 -8.94 2.44
N ASN A 141 15.47 -9.58 3.55
CA ASN A 141 14.63 -8.93 4.58
C ASN A 141 15.33 -7.72 5.13
N GLY A 142 14.53 -6.87 5.75
CA GLY A 142 15.05 -5.74 6.46
C GLY A 142 14.99 -4.41 5.77
N ARG A 143 14.40 -4.40 4.59
CA ARG A 143 14.23 -3.18 3.82
C ARG A 143 12.93 -2.42 4.04
N LEU A 144 11.95 -2.98 4.77
CA LEU A 144 10.68 -2.28 5.04
C LEU A 144 10.82 -1.62 6.40
N PRO A 145 10.03 -0.57 6.66
CA PRO A 145 10.34 0.30 7.83
C PRO A 145 9.86 -0.21 9.16
N ASP A 146 10.60 0.16 10.19
CA ASP A 146 10.25 -0.02 11.60
C ASP A 146 9.24 1.04 12.00
N ALA A 147 8.39 0.72 12.98
CA ALA A 147 7.33 1.59 13.44
C ALA A 147 7.68 2.32 14.73
N ASP A 148 8.73 1.89 15.40
CA ASP A 148 9.08 2.40 16.75
C ASP A 148 10.10 3.52 16.68
N LYS A 149 9.98 4.38 15.65
CA LYS A 149 10.95 5.43 15.36
C LYS A 149 10.33 6.82 15.27
N ASP A 150 11.18 7.80 15.02
CA ASP A 150 10.71 9.19 15.00
C ASP A 150 10.66 9.72 13.55
N ALA A 151 10.34 10.99 13.38
CA ALA A 151 10.17 11.54 12.03
C ALA A 151 11.51 11.55 11.25
N GLY A 152 12.62 11.82 11.94
CA GLY A 152 13.93 11.76 11.27
C GLY A 152 14.12 10.44 10.54
N TYR A 153 13.74 9.36 11.23
CA TYR A 153 13.90 8.03 10.67
C TYR A 153 12.99 7.93 9.46
N VAL A 154 11.74 8.41 9.61
CA VAL A 154 10.76 8.22 8.56
C VAL A 154 11.22 8.96 7.30
N ARG A 155 11.74 10.17 7.47
CA ARG A 155 12.21 11.00 6.36
C ARG A 155 13.38 10.32 5.58
N THR A 156 14.38 9.86 6.33
CA THR A 156 15.53 9.13 5.77
C THR A 156 15.13 7.83 5.05
N PHE A 157 14.20 7.10 5.68
CA PHE A 157 13.81 5.79 5.19
C PHE A 157 13.21 6.02 3.81
N PHE A 158 12.30 6.98 3.76
CA PHE A 158 11.53 7.19 2.55
C PHE A 158 12.34 7.82 1.40
N GLN A 159 13.45 8.49 1.73
CA GLN A 159 14.33 9.01 0.66
C GLN A 159 14.93 7.86 -0.13
N ARG A 160 15.04 6.67 0.46
CA ARG A 160 15.50 5.49 -0.32
C ARG A 160 14.55 5.08 -1.42
N LEU A 161 13.27 5.46 -1.26
CA LEU A 161 12.19 5.23 -2.19
C LEU A 161 11.91 6.51 -3.05
N ASN A 162 12.83 7.46 -3.00
CA ASN A 162 12.71 8.73 -3.72
C ASN A 162 11.45 9.46 -3.41
N MET A 163 11.04 9.40 -2.15
CA MET A 163 9.87 10.07 -1.69
C MET A 163 10.21 11.25 -0.81
N ASN A 164 9.50 12.35 -1.03
CA ASN A 164 9.76 13.59 -0.29
C ASN A 164 8.73 13.76 0.81
N ASP A 165 8.78 14.89 1.51
CA ASP A 165 7.83 15.12 2.60
C ASP A 165 6.33 14.95 2.27
N ARG A 166 5.85 15.65 1.22
CA ARG A 166 4.46 15.56 0.82
C ARG A 166 4.09 14.10 0.49
N GLU A 167 4.97 13.41 -0.23
CA GLU A 167 4.69 12.00 -0.58
C GLU A 167 4.58 11.07 0.65
N VAL A 168 5.45 11.31 1.63
CA VAL A 168 5.48 10.50 2.84
C VAL A 168 4.17 10.73 3.62
N VAL A 169 3.79 12.00 3.78
CA VAL A 169 2.58 12.30 4.56
C VAL A 169 1.32 11.80 3.80
N ALA A 170 1.24 12.02 2.48
CA ALA A 170 0.17 11.44 1.65
C ALA A 170 0.09 9.94 1.75
N LEU A 171 1.21 9.23 1.57
CA LEU A 171 1.16 7.81 1.61
C LEU A 171 0.67 7.29 2.97
N MET A 172 1.14 7.91 4.06
CA MET A 172 0.74 7.46 5.37
C MET A 172 -0.74 7.52 5.66
N GLY A 173 -1.51 8.31 4.90
CA GLY A 173 -2.94 8.36 5.16
C GLY A 173 -3.69 7.12 4.79
N ALA A 174 -2.97 6.16 4.18
CA ALA A 174 -3.48 4.82 4.00
C ALA A 174 -3.59 4.08 5.37
N HIS A 175 -2.98 4.59 6.44
CA HIS A 175 -3.20 4.08 7.76
C HIS A 175 -4.58 4.36 8.37
N ALA A 176 -5.48 5.07 7.66
CA ALA A 176 -6.91 5.08 8.02
C ALA A 176 -7.48 3.68 7.89
N LEU A 177 -6.83 2.89 7.05
CA LEU A 177 -7.39 1.61 6.58
C LEU A 177 -6.99 0.46 7.56
N GLY A 178 -7.89 -0.49 7.79
CA GLY A 178 -7.51 -1.72 8.45
C GLY A 178 -7.19 -1.49 9.88
N LYS A 179 -6.20 -2.18 10.34
CA LYS A 179 -5.77 -2.12 11.76
C LYS A 179 -4.45 -2.76 11.91
N THR A 180 -3.81 -2.43 13.03
CA THR A 180 -2.72 -3.22 13.53
C THR A 180 -3.21 -4.45 14.32
N HIS A 181 -2.47 -5.52 14.20
CA HIS A 181 -2.78 -6.77 14.85
C HIS A 181 -1.56 -7.16 15.65
N LEU A 182 -1.78 -7.40 16.96
CA LEU A 182 -0.66 -7.73 17.83
C LEU A 182 0.19 -8.93 17.35
N LYS A 183 -0.43 -10.01 16.89
CA LYS A 183 0.30 -11.17 16.38
C LYS A 183 1.14 -10.93 15.10
N ASN A 184 0.74 -9.94 14.28
CA ASN A 184 1.52 -9.58 13.08
C ASN A 184 2.72 -8.68 13.36
N SER A 185 2.57 -7.67 14.21
CA SER A 185 3.52 -6.55 14.21
C SER A 185 3.87 -6.03 15.58
N GLY A 186 3.19 -6.56 16.57
CA GLY A 186 3.38 -6.16 17.96
C GLY A 186 2.70 -4.85 18.29
N TYR A 187 1.72 -4.45 17.46
CA TYR A 187 0.87 -3.31 17.70
C TYR A 187 -0.59 -3.76 17.58
N GLU A 188 -1.48 -3.10 18.32
CA GLU A 188 -2.91 -3.44 18.30
C GLU A 188 -3.85 -2.23 18.21
N GLY A 189 -4.82 -2.33 17.31
CA GLY A 189 -5.96 -1.44 17.23
C GLY A 189 -6.05 -0.71 15.90
N PRO A 190 -7.21 -0.16 15.62
CA PRO A 190 -7.46 0.54 14.37
C PRO A 190 -7.00 1.97 14.52
N GLY A 191 -6.85 2.68 13.43
CA GLY A 191 -6.57 4.08 13.46
C GLY A 191 -7.76 5.02 13.43
N GLY A 192 -8.97 4.49 13.41
CA GLY A 192 -10.12 5.33 13.12
C GLY A 192 -11.37 4.46 13.03
N ALA A 193 -12.54 5.07 12.84
CA ALA A 193 -13.82 4.33 12.80
C ALA A 193 -14.12 3.76 11.43
N ALA A 194 -13.83 4.54 10.39
CA ALA A 194 -14.15 4.15 9.01
C ALA A 194 -13.01 3.47 8.31
N ASN A 195 -12.69 2.27 8.73
CA ASN A 195 -11.42 1.64 8.34
C ASN A 195 -11.49 0.68 7.16
N ASN A 196 -12.59 0.70 6.44
CA ASN A 196 -12.60 0.13 5.07
C ASN A 196 -13.23 1.03 4.00
N VAL A 197 -13.25 2.33 4.28
CA VAL A 197 -13.60 3.35 3.32
C VAL A 197 -12.43 4.33 3.28
N PHE A 198 -11.95 4.63 2.10
CA PHE A 198 -10.78 5.47 1.97
C PHE A 198 -11.14 6.94 2.18
N THR A 199 -10.69 7.55 3.28
CA THR A 199 -10.98 8.96 3.58
C THR A 199 -9.72 9.59 4.18
N ASN A 200 -9.76 10.91 4.45
CA ASN A 200 -8.68 11.63 5.21
C ASN A 200 -8.77 11.46 6.72
N GLU A 201 -9.42 10.39 7.19
CA GLU A 201 -9.60 10.20 8.63
C GLU A 201 -8.30 10.16 9.45
N PHE A 202 -7.23 9.56 8.89
CA PHE A 202 -5.96 9.48 9.63
C PHE A 202 -5.49 10.84 10.14
N TYR A 203 -5.60 11.84 9.27
CA TYR A 203 -5.08 13.15 9.62
C TYR A 203 -5.99 13.82 10.64
N LEU A 204 -7.29 13.66 10.43
CA LEU A 204 -8.25 14.26 11.35
C LEU A 204 -8.04 13.67 12.74
N ASN A 205 -7.89 12.34 12.80
CA ASN A 205 -7.65 11.66 14.07
C ASN A 205 -6.37 12.10 14.71
N LEU A 206 -5.29 12.27 13.93
CA LEU A 206 -4.03 12.74 14.53
C LEU A 206 -4.17 14.10 15.23
N LEU A 207 -4.90 15.00 14.59
CA LEU A 207 -5.05 16.36 15.10
C LEU A 207 -6.09 16.46 16.24
N ASN A 208 -7.15 15.67 16.13
CA ASN A 208 -8.35 15.95 16.95
C ASN A 208 -8.54 15.08 18.17
N GLU A 209 -7.90 13.92 18.17
CA GLU A 209 -8.03 12.99 19.25
C GLU A 209 -7.09 13.37 20.40
N ASP A 210 -7.50 12.93 21.58
CA ASP A 210 -6.71 13.03 22.83
C ASP A 210 -5.86 11.73 23.02
N TRP A 211 -4.62 11.81 22.59
CA TRP A 211 -3.66 10.71 22.55
C TRP A 211 -2.89 10.59 23.84
N LYS A 212 -2.78 9.35 24.29
CA LYS A 212 -2.01 9.03 25.47
C LYS A 212 -1.01 7.96 25.09
N LEU A 213 0.26 8.21 25.35
CA LEU A 213 1.31 7.19 25.17
C LEU A 213 1.24 6.03 26.16
N GLU A 214 1.08 4.82 25.63
CA GLU A 214 0.98 3.63 26.41
C GLU A 214 1.87 2.53 25.87
N LYS A 215 2.20 1.58 26.74
CA LYS A 215 2.78 0.30 26.34
C LYS A 215 1.69 -0.76 26.14
N ASN A 216 1.76 -1.48 25.02
CA ASN A 216 0.75 -2.47 24.70
C ASN A 216 1.19 -3.81 25.26
N ASP A 217 0.38 -4.82 25.00
CA ASP A 217 0.62 -6.19 25.51
C ASP A 217 1.90 -6.89 25.01
N ALA A 218 2.52 -6.39 23.93
CA ALA A 218 3.84 -6.81 23.46
C ALA A 218 4.99 -5.88 23.89
N ASN A 219 4.74 -5.08 24.92
CA ASN A 219 5.73 -4.13 25.44
C ASN A 219 6.27 -3.09 24.44
N ASN A 220 5.48 -2.73 23.43
CA ASN A 220 5.83 -1.68 22.50
C ASN A 220 4.98 -0.42 22.80
N GLU A 221 5.59 0.75 22.71
CA GLU A 221 4.84 2.04 22.84
C GLU A 221 3.96 2.30 21.63
N GLN A 222 2.72 2.71 21.92
CA GLN A 222 1.82 3.22 20.89
C GLN A 222 0.94 4.29 21.57
N TRP A 223 0.38 5.15 20.76
CA TRP A 223 -0.45 6.30 21.16
C TRP A 223 -1.91 5.85 21.01
N ASP A 224 -2.69 6.01 22.08
CA ASP A 224 -3.99 5.41 22.20
C ASP A 224 -4.97 6.52 22.55
N SER A 225 -6.15 6.54 21.94
CA SER A 225 -7.06 7.65 22.20
C SER A 225 -8.21 7.13 23.01
N LYS A 226 -8.92 8.05 23.61
CA LYS A 226 -10.09 7.75 24.43
C LYS A 226 -11.18 7.10 23.59
N SER A 227 -11.19 7.38 22.27
CA SER A 227 -12.08 6.69 21.32
C SER A 227 -11.78 5.26 20.96
N GLY A 228 -10.60 4.73 21.36
CA GLY A 228 -10.18 3.37 21.08
C GLY A 228 -9.39 3.27 19.79
N TYR A 229 -8.76 4.36 19.35
CA TYR A 229 -7.90 4.39 18.16
C TYR A 229 -6.46 4.39 18.66
N MET A 230 -5.55 4.03 17.78
CA MET A 230 -4.10 4.01 18.05
C MET A 230 -3.38 4.69 16.88
N MET A 231 -2.21 5.15 17.21
CA MET A 231 -1.18 5.54 16.26
C MET A 231 0.16 4.88 16.63
N LEU A 232 0.89 4.44 15.63
CA LEU A 232 2.25 4.00 15.79
C LEU A 232 3.14 5.16 16.10
N PRO A 233 4.28 4.93 16.75
CA PRO A 233 5.27 6.03 16.91
C PRO A 233 5.57 6.79 15.62
N THR A 234 5.75 6.06 14.52
CA THR A 234 5.96 6.70 13.21
C THR A 234 4.81 7.53 12.70
N ASP A 235 3.56 7.10 12.96
CA ASP A 235 2.39 7.89 12.65
C ASP A 235 2.43 9.17 13.44
N TYR A 236 2.66 9.05 14.77
CA TYR A 236 2.52 10.23 15.66
C TYR A 236 3.64 11.24 15.36
N SER A 237 4.72 10.76 14.76
CA SER A 237 5.86 11.58 14.40
C SER A 237 5.42 12.67 13.40
N LEU A 238 4.41 12.38 12.57
CA LEU A 238 3.96 13.32 11.60
C LEU A 238 3.38 14.55 12.24
N ILE A 239 3.01 14.46 13.53
CA ILE A 239 2.53 15.67 14.23
C ILE A 239 3.59 16.29 15.12
N GLN A 240 4.73 15.59 15.25
CA GLN A 240 5.86 16.08 16.01
C GLN A 240 6.78 16.93 15.15
N ASP A 241 7.07 16.48 13.93
CA ASP A 241 7.92 17.23 13.02
C ASP A 241 7.19 18.43 12.42
N PRO A 242 7.75 19.62 12.50
CA PRO A 242 7.05 20.78 11.96
C PRO A 242 6.61 20.75 10.51
N LYS A 243 7.47 20.24 9.66
CA LYS A 243 7.19 20.15 8.25
C LYS A 243 6.06 19.15 7.97
N TYR A 244 6.13 17.98 8.59
CA TYR A 244 5.06 17.01 8.46
C TYR A 244 3.75 17.53 9.03
N LEU A 245 3.77 18.23 10.16
CA LEU A 245 2.51 18.66 10.81
C LEU A 245 1.76 19.62 9.87
N SER A 246 2.49 20.45 9.16
CA SER A 246 1.87 21.37 8.17
C SER A 246 1.06 20.63 7.13
N ILE A 247 1.67 19.56 6.63
CA ILE A 247 1.05 18.78 5.57
C ILE A 247 -0.11 17.95 6.15
N VAL A 248 0.08 17.37 7.33
CA VAL A 248 -1.06 16.73 8.01
C VAL A 248 -2.29 17.68 8.12
N LYS A 249 -2.05 18.93 8.53
CA LYS A 249 -3.13 19.92 8.69
C LYS A 249 -3.76 20.20 7.35
N GLU A 250 -2.97 20.27 6.29
CA GLU A 250 -3.50 20.44 4.96
C GLU A 250 -4.45 19.31 4.52
N TYR A 251 -4.04 18.07 4.76
CA TYR A 251 -4.85 16.92 4.35
C TYR A 251 -6.08 16.74 5.24
N ALA A 252 -5.98 17.13 6.50
CA ALA A 252 -7.12 17.11 7.43
C ALA A 252 -8.18 18.10 6.94
N ASN A 253 -7.72 19.23 6.40
CA ASN A 253 -8.61 20.32 5.97
C ASN A 253 -9.16 20.04 4.58
N ASP A 254 -8.50 19.17 3.80
CA ASP A 254 -8.89 19.04 2.39
C ASP A 254 -8.69 17.59 1.87
N GLN A 255 -9.76 16.81 1.89
CA GLN A 255 -9.70 15.42 1.41
C GLN A 255 -9.41 15.33 -0.09
N ASP A 256 -9.94 16.27 -0.89
CA ASP A 256 -9.69 16.25 -2.35
C ASP A 256 -8.21 16.33 -2.66
N LYS A 257 -7.49 17.18 -1.94
CA LYS A 257 -6.08 17.36 -2.12
C LYS A 257 -5.29 16.12 -1.68
N PHE A 258 -5.67 15.57 -0.53
CA PHE A 258 -5.07 14.34 -0.04
C PHE A 258 -5.23 13.25 -1.10
N PHE A 259 -6.44 13.12 -1.63
CA PHE A 259 -6.72 12.08 -2.65
C PHE A 259 -5.82 12.25 -3.88
N LYS A 260 -5.68 13.47 -4.35
CA LYS A 260 -4.85 13.75 -5.48
C LYS A 260 -3.39 13.40 -5.22
N ASP A 261 -2.86 13.77 -4.05
CA ASP A 261 -1.46 13.54 -3.71
C ASP A 261 -1.19 12.05 -3.43
N PHE A 262 -2.17 11.40 -2.80
CA PHE A 262 -2.06 9.98 -2.53
C PHE A 262 -2.02 9.18 -3.83
N SER A 263 -2.91 9.54 -4.76
CA SER A 263 -3.00 8.83 -6.02
C SER A 263 -1.63 8.89 -6.73
N LYS A 264 -1.05 10.10 -6.90
CA LYS A 264 0.26 10.26 -7.54
C LYS A 264 1.33 9.47 -6.80
N ALA A 265 1.42 9.62 -5.46
CA ALA A 265 2.46 8.98 -4.66
C ALA A 265 2.40 7.43 -4.73
N PHE A 266 1.18 6.92 -4.65
CA PHE A 266 0.97 5.48 -4.65
C PHE A 266 1.30 4.90 -6.04
N GLU A 267 0.91 5.58 -7.11
CA GLU A 267 1.37 5.13 -8.45
C GLU A 267 2.89 5.18 -8.57
N LYS A 268 3.48 6.28 -8.17
CA LYS A 268 4.94 6.35 -8.11
C LYS A 268 5.60 5.23 -7.30
N LEU A 269 5.11 4.97 -6.09
CA LEU A 269 5.60 3.83 -5.29
C LEU A 269 5.54 2.50 -6.06
N LEU A 270 4.41 2.23 -6.69
CA LEU A 270 4.17 0.99 -7.37
C LEU A 270 5.00 0.88 -8.63
N GLU A 271 5.55 1.97 -9.10
CA GLU A 271 6.30 1.98 -10.36
C GLU A 271 7.76 2.27 -10.16
N ASN A 272 8.17 2.57 -8.93
CA ASN A 272 9.60 2.78 -8.71
C ASN A 272 10.43 1.62 -9.28
N GLY A 273 11.46 1.95 -10.03
CA GLY A 273 12.46 0.95 -10.46
C GLY A 273 12.09 0.47 -11.87
N ILE A 274 10.94 0.92 -12.40
CA ILE A 274 10.50 0.50 -13.74
C ILE A 274 10.72 1.60 -14.74
N THR A 275 11.29 1.23 -15.88
CA THR A 275 11.44 2.12 -16.99
C THR A 275 10.38 1.80 -18.00
N PHE A 276 9.53 2.77 -18.28
CA PHE A 276 8.46 2.64 -19.28
C PHE A 276 8.98 3.15 -20.58
N PRO A 277 9.07 2.29 -21.58
CA PRO A 277 9.54 2.76 -22.87
C PRO A 277 8.58 3.84 -23.43
N LYS A 278 9.12 4.77 -24.20
CA LYS A 278 8.37 6.00 -24.56
C LYS A 278 7.10 5.70 -25.39
N ASP A 279 7.05 4.48 -25.96
CA ASP A 279 5.89 3.99 -26.69
C ASP A 279 5.03 2.93 -25.96
N ALA A 280 5.15 2.87 -24.64
CA ALA A 280 4.31 1.95 -23.84
C ALA A 280 2.91 2.53 -23.87
N PRO A 281 1.90 1.72 -23.58
CA PRO A 281 0.57 2.29 -23.38
C PRO A 281 0.59 3.35 -22.29
N SER A 282 -0.25 4.36 -22.44
CA SER A 282 -0.52 5.34 -21.41
C SER A 282 -1.06 4.62 -20.16
N PRO A 283 -0.90 5.20 -18.98
CA PRO A 283 -1.47 4.54 -17.81
C PRO A 283 -2.98 4.28 -17.89
N PHE A 284 -3.39 3.14 -17.33
CA PHE A 284 -4.77 2.68 -17.28
C PHE A 284 -5.49 3.28 -16.10
N ILE A 285 -6.68 3.77 -16.33
CA ILE A 285 -7.56 4.08 -15.22
C ILE A 285 -8.75 3.17 -15.35
N PHE A 286 -8.86 2.29 -14.41
CA PHE A 286 -9.93 1.27 -14.44
C PHE A 286 -11.20 1.78 -13.88
N LYS A 287 -12.28 1.36 -14.50
CA LYS A 287 -13.62 1.71 -14.01
C LYS A 287 -13.89 0.88 -12.77
N THR A 288 -14.59 1.45 -11.78
CA THR A 288 -15.04 0.61 -10.64
C THR A 288 -16.19 -0.30 -11.08
N LEU A 289 -16.55 -1.25 -10.21
CA LEU A 289 -17.71 -2.11 -10.44
C LEU A 289 -18.95 -1.22 -10.60
N GLU A 290 -19.07 -0.24 -9.71
CA GLU A 290 -20.20 0.72 -9.74
C GLU A 290 -20.32 1.43 -11.05
N GLU A 291 -19.22 1.96 -11.57
CA GLU A 291 -19.25 2.62 -12.85
C GLU A 291 -19.66 1.71 -13.99
N GLN A 292 -19.44 0.40 -13.87
CA GLN A 292 -19.81 -0.56 -14.94
C GLN A 292 -21.19 -1.22 -14.76
N GLY A 293 -21.86 -0.94 -13.64
CA GLY A 293 -23.09 -1.66 -13.31
C GLY A 293 -22.90 -3.13 -12.92
N LEU A 294 -21.72 -3.49 -12.41
CA LEU A 294 -21.42 -4.83 -12.03
C LEU A 294 -21.45 -5.03 -10.51
CHA HEM B . -0.59 -1.61 8.59
CHB HEM B . 3.80 0.10 9.76
CHC HEM B . 3.65 2.87 5.75
CHD HEM B . -0.51 0.79 4.38
C1A HEM B . 0.59 -1.34 9.21
C2A HEM B . 1.04 -2.05 10.37
C3A HEM B . 2.26 -1.59 10.67
C4A HEM B . 2.62 -0.59 9.72
CMA HEM B . 3.12 -1.98 11.87
CAA HEM B . 0.27 -3.15 11.13
CBA HEM B . 0.45 -4.56 10.49
CGA HEM B . -0.36 -5.61 11.18
O1A HEM B . -0.17 -5.77 12.43
O2A HEM B . -1.16 -6.32 10.52
C1B HEM B . 4.12 1.06 8.78
C2B HEM B . 5.31 1.90 8.82
C3B HEM B . 5.29 2.67 7.71
C4B HEM B . 4.08 2.31 6.95
CMB HEM B . 6.30 1.82 10.00
CAB HEM B . 6.26 3.76 7.27
CBB HEM B . 6.79 4.55 8.17
C1C HEM B . 2.56 2.48 5.02
C2C HEM B . 2.26 2.91 3.68
C3C HEM B . 1.13 2.30 3.28
C4C HEM B . 0.67 1.50 4.38
CMC HEM B . 3.17 3.80 2.88
CAC HEM B . 0.39 2.36 1.93
CBC HEM B . 0.26 3.40 1.13
C1D HEM B . -0.87 0.07 5.51
C2D HEM B . -2.18 -0.53 5.58
C3D HEM B . -2.24 -1.24 6.87
C4D HEM B . -0.96 -1.05 7.43
CMD HEM B . -3.32 -0.32 4.55
CAD HEM B . -3.42 -2.03 7.45
CBD HEM B . -3.26 -3.52 7.04
CGD HEM B . -4.36 -4.44 7.56
O1D HEM B . -4.25 -5.70 7.46
O2D HEM B . -5.35 -4.01 8.14
NA HEM B . 1.60 -0.52 8.80
NB HEM B . 3.37 1.36 7.68
NC HEM B . 1.57 1.60 5.41
ND HEM B . -0.13 -0.36 6.63
FE HEM B . 1.52 0.61 7.15
C2 LG3 C . -2.50 3.21 12.21
N3 LG3 C . -3.66 2.60 11.91
C4 LG3 C . -3.59 1.53 11.08
C5 LG3 C . -2.35 1.08 10.57
C6 LG3 C . -1.19 1.72 10.92
N1 LG3 C . -1.28 2.82 11.72
N7 LG3 C . -2.51 4.26 13.04
N8 LG3 C . -4.73 0.84 10.70
#